data_2OB0
#
_entry.id   2OB0
#
_cell.length_a   47.523
_cell.length_b   103.324
_cell.length_c   67.328
_cell.angle_alpha   90.00
_cell.angle_beta   106.79
_cell.angle_gamma   90.00
#
_symmetry.space_group_name_H-M   'P 1 21 1'
#
loop_
_entity.id
_entity.type
_entity.pdbx_description
1 polymer 'Human MAK3 homolog'
2 non-polymer 'ACETYL COENZYME *A'
3 water water
#
_entity_poly.entity_id   1
_entity_poly.type   'polypeptide(L)'
_entity_poly.pdbx_seq_one_letter_code
;GSKGSRIELGDVTPHNIKQLKRLNQVIFPVSYNDKFYKDVLEVGELAKLAYFNDIAVGAVCCRVDHSQNQKRLYI(MSE)
TLGCLAPYRRLGIGTK(MSE)LNHVLNICEKDGTFDNIYLHVQISNESAIDFYRKFGFEIIETKKNYYKRIEPADAHVLQ
KNLKVPSGQNADVQKTDN
;
_entity_poly.pdbx_strand_id   A,B,C
#
# COMPACT_ATOMS: atom_id res chain seq x y z
N SER A 2 -8.27 11.44 -0.75
CA SER A 2 -6.88 10.93 -1.01
C SER A 2 -5.92 11.34 0.10
N LYS A 3 -6.19 12.48 0.72
CA LYS A 3 -5.36 13.01 1.80
C LYS A 3 -5.10 11.89 2.81
N GLY A 4 -3.83 11.52 2.99
CA GLY A 4 -3.45 10.49 3.97
C GLY A 4 -3.79 9.03 3.65
N SER A 5 -4.19 8.77 2.42
CA SER A 5 -4.50 7.40 1.98
C SER A 5 -3.30 6.46 2.01
N ARG A 6 -3.55 5.20 2.38
CA ARG A 6 -2.52 4.17 2.47
C ARG A 6 -2.46 3.37 1.18
N ILE A 7 -3.23 3.81 0.19
CA ILE A 7 -3.39 3.11 -1.09
C ILE A 7 -2.85 3.97 -2.22
N GLU A 8 -2.01 3.39 -3.09
CA GLU A 8 -1.41 4.14 -4.19
C GLU A 8 -1.41 3.21 -5.40
N LEU A 9 -1.61 3.76 -6.59
CA LEU A 9 -1.42 2.98 -7.83
C LEU A 9 -0.06 3.27 -8.41
N GLY A 10 0.55 2.28 -9.07
CA GLY A 10 1.86 2.46 -9.68
C GLY A 10 1.88 1.81 -11.04
N ASP A 11 2.83 2.26 -11.87
CA ASP A 11 2.96 1.75 -13.22
C ASP A 11 3.41 0.30 -13.26
N VAL A 12 2.98 -0.40 -14.32
CA VAL A 12 3.48 -1.74 -14.61
C VAL A 12 4.62 -1.61 -15.61
N THR A 13 5.72 -2.31 -15.34
CA THR A 13 6.97 -2.18 -16.09
C THR A 13 7.58 -3.57 -16.18
N PRO A 14 8.62 -3.75 -17.02
CA PRO A 14 9.32 -5.04 -17.05
C PRO A 14 9.92 -5.46 -15.70
N HIS A 15 10.17 -4.50 -14.82
CA HIS A 15 10.68 -4.81 -13.48
C HIS A 15 9.63 -5.45 -12.57
N ASN A 16 8.37 -5.10 -12.72
CA ASN A 16 7.39 -5.61 -11.79
C ASN A 16 6.28 -6.43 -12.47
N ILE A 17 6.43 -6.73 -13.76
CA ILE A 17 5.42 -7.53 -14.46
C ILE A 17 5.28 -8.92 -13.81
N LYS A 18 6.36 -9.46 -13.23
CA LYS A 18 6.25 -10.76 -12.57
C LYS A 18 5.36 -10.69 -11.32
N GLN A 19 5.39 -9.54 -10.64
CA GLN A 19 4.52 -9.27 -9.50
C GLN A 19 3.05 -9.28 -9.91
N LEU A 20 2.73 -8.60 -11.02
CA LEU A 20 1.39 -8.60 -11.57
C LEU A 20 0.90 -10.04 -11.85
N LYS A 21 1.74 -10.85 -12.50
CA LYS A 21 1.33 -12.21 -12.82
C LYS A 21 1.05 -13.00 -11.54
N ARG A 22 1.94 -12.86 -10.55
CA ARG A 22 1.79 -13.53 -9.26
C ARG A 22 0.44 -13.16 -8.62
N LEU A 23 0.09 -11.88 -8.65
CA LEU A 23 -1.19 -11.42 -8.07
C LEU A 23 -2.37 -11.99 -8.85
N ASN A 24 -2.30 -11.89 -10.17
CA ASN A 24 -3.38 -12.43 -11.01
C ASN A 24 -3.65 -13.93 -10.78
N GLN A 25 -2.58 -14.69 -10.57
N GLN A 25 -2.59 -14.69 -10.55
CA GLN A 25 -2.69 -16.11 -10.34
CA GLN A 25 -2.71 -16.15 -10.36
C GLN A 25 -3.51 -16.41 -9.10
C GLN A 25 -3.32 -16.55 -9.01
N VAL A 26 -3.27 -15.64 -8.04
CA VAL A 26 -3.95 -15.84 -6.76
C VAL A 26 -5.39 -15.33 -6.80
N ILE A 27 -5.61 -14.22 -7.49
CA ILE A 27 -6.86 -13.51 -7.41
C ILE A 27 -7.95 -14.04 -8.37
N PHE A 28 -7.55 -14.43 -9.58
CA PHE A 28 -8.51 -14.82 -10.64
C PHE A 28 -8.48 -16.31 -10.94
N PRO A 29 -9.66 -16.91 -11.21
CA PRO A 29 -9.71 -18.37 -11.39
C PRO A 29 -9.29 -18.84 -12.78
N VAL A 30 -8.92 -17.92 -13.66
CA VAL A 30 -8.44 -18.27 -14.98
C VAL A 30 -6.99 -17.82 -15.13
N SER A 31 -6.22 -18.54 -15.93
CA SER A 31 -4.83 -18.17 -16.14
C SER A 31 -4.69 -17.44 -17.47
N TYR A 32 -3.80 -16.47 -17.48
CA TYR A 32 -3.56 -15.64 -18.64
C TYR A 32 -2.22 -16.01 -19.24
N ASN A 33 -2.15 -16.04 -20.56
CA ASN A 33 -0.95 -16.53 -21.26
C ASN A 33 0.12 -15.44 -21.38
N ASP A 34 1.30 -15.78 -21.87
CA ASP A 34 2.42 -14.82 -21.95
C ASP A 34 2.10 -13.61 -22.83
N LYS A 35 1.30 -13.83 -23.87
CA LYS A 35 0.84 -12.73 -24.73
C LYS A 35 0.04 -11.69 -23.94
N PHE A 36 -0.79 -12.16 -23.00
CA PHE A 36 -1.53 -11.24 -22.14
C PHE A 36 -0.60 -10.24 -21.46
N TYR A 37 0.48 -10.76 -20.88
CA TYR A 37 1.43 -9.97 -20.10
C TYR A 37 2.34 -9.08 -20.96
N LYS A 38 2.69 -9.55 -22.16
CA LYS A 38 3.33 -8.68 -23.15
C LYS A 38 2.41 -7.49 -23.49
N ASP A 39 1.12 -7.74 -23.73
CA ASP A 39 0.15 -6.68 -24.08
C ASP A 39 -0.01 -5.62 -22.98
N VAL A 40 0.00 -6.06 -21.72
CA VAL A 40 -0.13 -5.17 -20.55
C VAL A 40 0.91 -4.07 -20.58
N LEU A 41 2.12 -4.42 -21.00
CA LEU A 41 3.20 -3.44 -21.09
C LEU A 41 3.00 -2.37 -22.18
N GLU A 42 2.01 -2.57 -23.07
CA GLU A 42 1.78 -1.63 -24.18
C GLU A 42 0.53 -0.75 -24.02
N VAL A 43 -0.22 -0.93 -22.93
CA VAL A 43 -1.48 -0.18 -22.78
C VAL A 43 -1.32 1.08 -21.93
N GLY A 44 -0.09 1.41 -21.54
CA GLY A 44 0.16 2.60 -20.71
C GLY A 44 -0.66 2.62 -19.43
N GLU A 45 -1.39 3.71 -19.20
CA GLU A 45 -2.13 3.91 -17.95
C GLU A 45 -3.33 3.00 -17.76
N LEU A 46 -3.62 2.18 -18.77
CA LEU A 46 -4.73 1.22 -18.68
C LEU A 46 -4.38 -0.02 -17.87
N ALA A 47 -3.15 -0.08 -17.38
CA ALA A 47 -2.75 -1.15 -16.43
C ALA A 47 -2.00 -0.53 -15.27
N LYS A 48 -2.33 -0.95 -14.05
CA LYS A 48 -1.68 -0.40 -12.84
C LYS A 48 -1.58 -1.49 -11.79
N LEU A 49 -0.59 -1.39 -10.91
CA LEU A 49 -0.53 -2.21 -9.72
C LEU A 49 -1.05 -1.36 -8.57
N ALA A 50 -1.71 -1.97 -7.60
CA ALA A 50 -2.21 -1.23 -6.44
C ALA A 50 -1.38 -1.64 -5.22
N TYR A 51 -0.98 -0.66 -4.43
CA TYR A 51 -0.17 -0.89 -3.27
C TYR A 51 -0.92 -0.46 -2.03
N PHE A 52 -0.83 -1.25 -0.98
CA PHE A 52 -1.37 -0.88 0.33
C PHE A 52 -0.19 -0.78 1.28
N ASN A 53 0.01 0.40 1.85
CA ASN A 53 1.22 0.63 2.68
C ASN A 53 2.46 0.13 1.99
N ASP A 54 2.55 0.42 0.69
CA ASP A 54 3.69 0.07 -0.14
C ASP A 54 3.85 -1.44 -0.40
N ILE A 55 2.81 -2.24 -0.17
CA ILE A 55 2.85 -3.69 -0.50
C ILE A 55 1.96 -3.88 -1.72
N ALA A 56 2.45 -4.60 -2.72
CA ALA A 56 1.62 -4.86 -3.93
C ALA A 56 0.49 -5.82 -3.60
N VAL A 57 -0.76 -5.36 -3.69
CA VAL A 57 -1.89 -6.22 -3.28
C VAL A 57 -2.99 -6.33 -4.35
N GLY A 58 -2.85 -5.65 -5.48
CA GLY A 58 -3.90 -5.77 -6.49
C GLY A 58 -3.43 -5.22 -7.79
N ALA A 59 -4.28 -5.32 -8.79
CA ALA A 59 -3.93 -4.81 -10.12
C ALA A 59 -5.17 -4.63 -10.98
N VAL A 60 -5.06 -3.79 -12.00
CA VAL A 60 -6.14 -3.58 -12.96
C VAL A 60 -5.45 -3.55 -14.33
N CYS A 61 -6.03 -4.28 -15.28
CA CYS A 61 -5.57 -4.38 -16.67
C CYS A 61 -6.79 -4.24 -17.58
N CYS A 62 -6.73 -3.29 -18.50
CA CYS A 62 -7.89 -3.06 -19.38
C CYS A 62 -7.37 -3.01 -20.81
N ARG A 63 -8.27 -3.04 -21.77
CA ARG A 63 -7.88 -2.75 -23.14
C ARG A 63 -9.01 -2.06 -23.88
N VAL A 64 -8.68 -1.37 -24.96
CA VAL A 64 -9.69 -0.75 -25.79
C VAL A 64 -10.21 -1.80 -26.77
N ASP A 65 -11.53 -1.89 -26.85
CA ASP A 65 -12.21 -2.85 -27.68
C ASP A 65 -13.09 -2.10 -28.68
N HIS A 66 -12.98 -2.43 -29.96
CA HIS A 66 -13.85 -1.86 -30.95
C HIS A 66 -14.74 -2.98 -31.44
N SER A 67 -15.90 -3.11 -30.81
CA SER A 67 -16.90 -4.11 -31.19
C SER A 67 -18.27 -3.47 -31.13
N GLN A 68 -19.25 -4.13 -31.77
CA GLN A 68 -20.62 -3.62 -31.83
C GLN A 68 -20.65 -2.22 -32.44
N ASN A 69 -19.68 -1.91 -33.30
CA ASN A 69 -19.50 -0.58 -33.87
C ASN A 69 -19.41 0.53 -32.81
N GLN A 70 -18.82 0.17 -31.67
CA GLN A 70 -18.61 1.10 -30.57
C GLN A 70 -17.13 1.07 -30.19
N LYS A 71 -16.69 2.10 -29.49
CA LYS A 71 -15.40 2.09 -28.84
C LYS A 71 -15.65 1.82 -27.37
N ARG A 72 -15.09 0.74 -26.85
CA ARG A 72 -15.45 0.32 -25.50
C ARG A 72 -14.18 0.08 -24.71
N LEU A 73 -14.27 0.27 -23.40
CA LEU A 73 -13.14 -0.10 -22.52
C LEU A 73 -13.49 -1.44 -21.88
N TYR A 74 -12.67 -2.47 -22.13
CA TYR A 74 -12.87 -3.76 -21.51
C TYR A 74 -11.93 -3.92 -20.32
N ILE A 75 -12.51 -4.20 -19.15
CA ILE A 75 -11.78 -4.45 -17.92
C ILE A 75 -11.51 -5.93 -17.94
N THR A 77 -9.00 -7.58 -16.06
CA THR A 77 -8.82 -8.00 -14.69
C THR A 77 -8.81 -6.73 -13.82
N LEU A 78 -9.47 -6.80 -12.69
CA LEU A 78 -9.41 -5.76 -11.64
C LEU A 78 -9.68 -6.47 -10.35
N GLY A 79 -8.72 -6.48 -9.44
CA GLY A 79 -8.97 -7.16 -8.17
C GLY A 79 -7.84 -7.02 -7.20
N CYS A 80 -8.09 -7.40 -5.95
CA CYS A 80 -7.02 -7.38 -4.97
C CYS A 80 -7.13 -8.62 -4.10
N LEU A 81 -6.06 -8.86 -3.35
CA LEU A 81 -5.94 -10.01 -2.48
C LEU A 81 -7.04 -9.95 -1.44
N ALA A 82 -7.63 -11.11 -1.16
CA ALA A 82 -8.76 -11.25 -0.25
C ALA A 82 -8.60 -10.53 1.10
N PRO A 83 -7.44 -10.66 1.81
CA PRO A 83 -7.38 -9.97 3.11
C PRO A 83 -7.40 -8.44 3.07
N TYR A 84 -7.28 -7.83 1.87
CA TYR A 84 -7.23 -6.38 1.74
C TYR A 84 -8.50 -5.80 1.10
N ARG A 85 -9.52 -6.64 0.99
CA ARG A 85 -10.76 -6.23 0.36
C ARG A 85 -11.57 -5.38 1.33
N ARG A 86 -12.48 -4.58 0.77
CA ARG A 86 -13.26 -3.60 1.55
C ARG A 86 -12.44 -2.54 2.26
N LEU A 87 -11.35 -2.12 1.64
CA LEU A 87 -10.52 -1.00 2.14
C LEU A 87 -10.45 0.12 1.10
N GLY A 88 -11.21 -0.02 0.02
CA GLY A 88 -11.27 1.03 -1.00
C GLY A 88 -10.27 0.85 -2.12
N ILE A 89 -9.60 -0.30 -2.18
CA ILE A 89 -8.63 -0.49 -3.23
C ILE A 89 -9.26 -0.65 -4.62
N GLY A 90 -10.30 -1.49 -4.70
CA GLY A 90 -11.11 -1.60 -5.91
C GLY A 90 -11.60 -0.26 -6.40
N THR A 91 -12.17 0.55 -5.49
CA THR A 91 -12.66 1.87 -5.82
C THR A 91 -11.55 2.72 -6.43
N LYS A 92 -10.36 2.64 -5.87
CA LYS A 92 -9.25 3.45 -6.37
C LYS A 92 -8.89 3.02 -7.81
N LEU A 94 -10.89 1.35 -9.98
CA LEU A 94 -11.97 1.54 -10.93
C LEU A 94 -12.05 3.04 -11.26
N ASN A 95 -11.91 3.87 -10.24
CA ASN A 95 -12.00 5.33 -10.45
C ASN A 95 -10.92 5.85 -11.39
N HIS A 96 -9.75 5.22 -11.33
CA HIS A 96 -8.64 5.53 -12.22
C HIS A 96 -9.03 5.28 -13.67
N VAL A 97 -9.64 4.12 -13.92
CA VAL A 97 -10.02 3.78 -15.29
C VAL A 97 -11.19 4.63 -15.80
N LEU A 98 -12.17 4.89 -14.95
CA LEU A 98 -13.27 5.76 -15.30
C LEU A 98 -12.81 7.19 -15.60
N ASN A 99 -11.82 7.67 -14.86
CA ASN A 99 -11.26 9.00 -15.13
C ASN A 99 -10.50 9.06 -16.47
N ILE A 100 -9.82 7.99 -16.84
CA ILE A 100 -9.20 7.89 -18.19
C ILE A 100 -10.25 8.01 -19.31
N CYS A 101 -11.35 7.27 -19.16
CA CYS A 101 -12.45 7.31 -20.13
C CYS A 101 -13.13 8.66 -20.21
N GLU A 102 -13.41 9.25 -19.05
CA GLU A 102 -14.04 10.57 -19.00
C GLU A 102 -13.18 11.65 -19.65
N LYS A 103 -11.88 11.63 -19.39
CA LYS A 103 -10.99 12.64 -20.00
C LYS A 103 -10.80 12.40 -21.50
N ASP A 104 -10.87 11.14 -21.93
CA ASP A 104 -10.81 10.84 -23.36
C ASP A 104 -12.09 11.29 -24.07
N GLY A 105 -13.24 10.95 -23.48
CA GLY A 105 -14.51 11.39 -23.99
C GLY A 105 -15.05 10.67 -25.22
N THR A 106 -14.29 9.71 -25.75
CA THR A 106 -14.73 9.03 -26.98
C THR A 106 -15.31 7.64 -26.78
N PHE A 107 -15.32 7.17 -25.53
CA PHE A 107 -15.85 5.84 -25.21
C PHE A 107 -17.38 5.78 -25.13
N ASP A 108 -17.94 4.74 -25.72
CA ASP A 108 -19.37 4.50 -25.62
C ASP A 108 -19.74 3.87 -24.29
N ASN A 109 -18.92 2.92 -23.84
CA ASN A 109 -19.20 2.19 -22.60
C ASN A 109 -17.97 1.50 -22.06
N ILE A 110 -18.09 1.04 -20.82
CA ILE A 110 -17.04 0.24 -20.21
C ILE A 110 -17.73 -1.04 -19.72
N TYR A 111 -17.07 -2.18 -19.85
CA TYR A 111 -17.74 -3.44 -19.50
C TYR A 111 -16.72 -4.50 -19.08
N LEU A 112 -17.23 -5.56 -18.45
CA LEU A 112 -16.45 -6.72 -18.06
C LEU A 112 -17.39 -7.91 -17.88
N HIS A 113 -16.80 -9.09 -17.68
CA HIS A 113 -17.56 -10.31 -17.36
C HIS A 113 -17.34 -10.66 -15.90
N VAL A 114 -18.40 -11.11 -15.24
CA VAL A 114 -18.34 -11.48 -13.81
C VAL A 114 -19.02 -12.84 -13.69
N GLN A 115 -18.32 -13.83 -13.15
CA GLN A 115 -18.93 -15.13 -12.92
C GLN A 115 -20.19 -14.96 -12.08
N ILE A 116 -21.28 -15.65 -12.44
CA ILE A 116 -22.59 -15.38 -11.79
C ILE A 116 -22.62 -15.61 -10.27
N SER A 117 -21.69 -16.43 -9.76
CA SER A 117 -21.62 -16.70 -8.33
C SER A 117 -20.92 -15.58 -7.52
N ASN A 118 -20.33 -14.63 -8.22
CA ASN A 118 -19.48 -13.62 -7.61
C ASN A 118 -20.30 -12.45 -7.09
N GLU A 119 -20.97 -12.66 -5.96
CA GLU A 119 -21.87 -11.64 -5.46
C GLU A 119 -21.16 -10.35 -5.10
N SER A 120 -19.95 -10.44 -4.56
CA SER A 120 -19.30 -9.22 -4.13
C SER A 120 -18.89 -8.34 -5.30
N ALA A 121 -18.51 -8.96 -6.43
CA ALA A 121 -18.16 -8.17 -7.62
C ALA A 121 -19.40 -7.57 -8.21
N ILE A 122 -20.51 -8.29 -8.18
CA ILE A 122 -21.71 -7.73 -8.75
C ILE A 122 -22.08 -6.50 -7.93
N ASP A 123 -22.08 -6.61 -6.60
CA ASP A 123 -22.42 -5.47 -5.70
C ASP A 123 -21.50 -4.29 -5.98
N PHE A 124 -20.22 -4.57 -6.11
CA PHE A 124 -19.21 -3.52 -6.31
C PHE A 124 -19.47 -2.77 -7.61
N TYR A 125 -19.61 -3.46 -8.72
CA TYR A 125 -19.78 -2.76 -10.00
C TYR A 125 -21.13 -2.07 -10.09
N ARG A 126 -22.17 -2.68 -9.55
CA ARG A 126 -23.48 -2.01 -9.58
C ARG A 126 -23.44 -0.71 -8.78
N LYS A 127 -22.60 -0.64 -7.76
CA LYS A 127 -22.46 0.59 -6.99
C LYS A 127 -21.99 1.76 -7.88
N PHE A 128 -21.16 1.46 -8.89
CA PHE A 128 -20.60 2.49 -9.77
C PHE A 128 -21.44 2.73 -11.01
N GLY A 129 -22.64 2.16 -11.03
CA GLY A 129 -23.58 2.39 -12.13
C GLY A 129 -23.45 1.42 -13.29
N PHE A 130 -22.71 0.32 -13.10
CA PHE A 130 -22.71 -0.77 -14.08
C PHE A 130 -24.02 -1.52 -13.95
N GLU A 131 -24.50 -2.03 -15.10
CA GLU A 131 -25.75 -2.80 -15.20
C GLU A 131 -25.46 -4.16 -15.79
N ILE A 132 -26.17 -5.17 -15.31
CA ILE A 132 -26.13 -6.50 -15.94
C ILE A 132 -26.91 -6.42 -17.24
N ILE A 133 -26.22 -6.52 -18.36
CA ILE A 133 -26.89 -6.35 -19.66
C ILE A 133 -27.16 -7.66 -20.39
N GLU A 134 -26.54 -8.74 -19.94
CA GLU A 134 -26.64 -10.03 -20.58
C GLU A 134 -26.10 -11.03 -19.57
N THR A 135 -26.54 -12.28 -19.66
CA THR A 135 -25.87 -13.38 -18.97
C THR A 135 -25.44 -14.38 -20.01
N LYS A 136 -24.13 -14.55 -20.11
CA LYS A 136 -23.53 -15.45 -21.10
C LYS A 136 -23.39 -16.83 -20.51
N LYS A 137 -24.09 -17.79 -21.10
CA LYS A 137 -24.00 -19.18 -20.65
C LYS A 137 -22.68 -19.77 -21.17
N ASN A 138 -22.09 -20.68 -20.40
CA ASN A 138 -20.87 -21.37 -20.79
C ASN A 138 -19.73 -20.43 -21.25
N TYR A 139 -19.60 -19.29 -20.58
CA TYR A 139 -18.48 -18.36 -20.79
C TYR A 139 -17.14 -19.00 -20.38
N TYR A 140 -17.09 -19.62 -19.19
CA TYR A 140 -15.86 -20.27 -18.73
C TYR A 140 -15.85 -21.72 -19.19
N LYS A 141 -14.67 -22.24 -19.48
CA LYS A 141 -14.56 -23.57 -20.05
C LYS A 141 -14.35 -24.63 -18.98
N ARG A 142 -13.70 -24.25 -17.88
CA ARG A 142 -13.29 -25.23 -16.86
C ARG A 142 -13.75 -25.00 -15.42
N ILE A 143 -14.22 -23.80 -15.11
CA ILE A 143 -14.62 -23.49 -13.73
C ILE A 143 -16.15 -23.48 -13.62
N GLU A 144 -16.68 -23.66 -12.42
CA GLU A 144 -18.13 -23.74 -12.20
C GLU A 144 -18.51 -22.69 -11.16
N PRO A 145 -19.65 -21.99 -11.37
CA PRO A 145 -20.53 -21.99 -12.53
C PRO A 145 -19.86 -21.45 -13.80
N ALA A 146 -20.22 -22.02 -14.94
CA ALA A 146 -19.69 -21.66 -16.25
C ALA A 146 -20.22 -20.32 -16.79
N ASP A 147 -21.33 -19.82 -16.24
CA ASP A 147 -21.98 -18.61 -16.75
C ASP A 147 -21.39 -17.31 -16.19
N ALA A 148 -21.41 -16.25 -17.00
CA ALA A 148 -20.95 -14.93 -16.58
C ALA A 148 -21.95 -13.86 -16.93
N HIS A 149 -22.14 -12.90 -16.03
CA HIS A 149 -22.89 -11.71 -16.34
C HIS A 149 -21.98 -10.75 -17.12
N VAL A 150 -22.55 -10.03 -18.08
CA VAL A 150 -21.82 -8.92 -18.68
C VAL A 150 -22.27 -7.69 -17.92
N LEU A 151 -21.35 -6.99 -17.27
CA LEU A 151 -21.70 -5.74 -16.54
C LEU A 151 -21.18 -4.60 -17.39
N GLN A 152 -22.02 -3.61 -17.63
CA GLN A 152 -21.65 -2.52 -18.53
C GLN A 152 -22.07 -1.21 -17.94
N LYS A 153 -21.19 -0.22 -18.03
CA LYS A 153 -21.59 1.17 -17.70
C LYS A 153 -21.58 2.02 -18.95
N ASN A 154 -22.70 2.68 -19.17
CA ASN A 154 -22.76 3.57 -20.30
C ASN A 154 -22.11 4.90 -20.03
N LEU A 155 -21.29 5.34 -20.97
CA LEU A 155 -20.59 6.60 -20.88
C LEU A 155 -21.10 7.54 -21.96
N SER B 5 -19.37 -31.21 20.86
CA SER B 5 -18.06 -30.73 21.44
C SER B 5 -18.19 -29.41 22.18
N ARG B 6 -17.22 -29.11 23.04
CA ARG B 6 -17.31 -27.94 23.88
C ARG B 6 -15.97 -27.20 23.96
N ILE B 7 -16.04 -25.87 23.94
CA ILE B 7 -14.86 -25.01 24.01
C ILE B 7 -14.96 -24.22 25.32
N GLU B 8 -13.87 -24.25 26.10
CA GLU B 8 -13.85 -23.67 27.44
C GLU B 8 -12.49 -23.00 27.62
N LEU B 9 -12.47 -21.90 28.34
CA LEU B 9 -11.22 -21.28 28.74
C LEU B 9 -10.94 -21.59 30.19
N GLY B 10 -9.67 -21.71 30.52
CA GLY B 10 -9.27 -21.98 31.89
C GLY B 10 -8.06 -21.15 32.26
N ASP B 11 -7.81 -21.04 33.56
CA ASP B 11 -6.73 -20.23 34.10
C ASP B 11 -5.40 -20.89 33.80
N VAL B 12 -4.38 -20.06 33.67
CA VAL B 12 -3.02 -20.51 33.55
C VAL B 12 -2.47 -20.59 34.98
N THR B 13 -1.87 -21.73 35.33
CA THR B 13 -1.44 -22.01 36.67
C THR B 13 -0.03 -22.61 36.61
N PRO B 14 0.72 -22.64 37.74
CA PRO B 14 2.00 -23.33 37.69
C PRO B 14 1.87 -24.77 37.16
N HIS B 15 0.71 -25.40 37.38
CA HIS B 15 0.50 -26.78 36.94
C HIS B 15 0.48 -26.94 35.42
N ASN B 16 0.09 -25.90 34.70
CA ASN B 16 -0.10 -26.05 33.23
C ASN B 16 0.74 -25.09 32.39
N ILE B 17 1.58 -24.29 33.05
CA ILE B 17 2.45 -23.34 32.36
C ILE B 17 3.35 -24.01 31.28
N LYS B 18 3.89 -25.19 31.59
CA LYS B 18 4.74 -25.91 30.63
C LYS B 18 3.97 -26.29 29.37
N GLN B 19 2.69 -26.63 29.55
CA GLN B 19 1.79 -26.94 28.44
C GLN B 19 1.51 -25.69 27.61
N LEU B 20 1.32 -24.54 28.28
CA LEU B 20 1.19 -23.28 27.55
C LEU B 20 2.43 -23.03 26.67
N LYS B 21 3.62 -23.22 27.24
CA LYS B 21 4.83 -22.98 26.48
C LYS B 21 4.88 -23.90 25.27
N ARG B 22 4.50 -25.16 25.47
CA ARG B 22 4.52 -26.16 24.39
C ARG B 22 3.61 -25.78 23.23
N LEU B 23 2.41 -25.32 23.56
CA LEU B 23 1.45 -24.82 22.58
C LEU B 23 2.03 -23.63 21.86
N ASN B 24 2.57 -22.66 22.59
CA ASN B 24 3.15 -21.47 21.96
C ASN B 24 4.27 -21.83 20.99
N GLN B 25 5.08 -22.83 21.33
CA GLN B 25 6.17 -23.22 20.46
C GLN B 25 5.69 -23.84 19.15
N VAL B 26 4.52 -24.46 19.19
CA VAL B 26 3.95 -25.03 17.97
C VAL B 26 3.25 -23.97 17.14
N ILE B 27 2.49 -23.09 17.80
CA ILE B 27 1.59 -22.15 17.10
C ILE B 27 2.29 -20.93 16.54
N PHE B 28 3.31 -20.40 17.24
CA PHE B 28 3.91 -19.10 16.86
C PHE B 28 5.33 -19.25 16.34
N PRO B 29 5.71 -18.44 15.33
CA PRO B 29 7.05 -18.49 14.72
C PRO B 29 8.12 -17.75 15.52
N VAL B 30 7.76 -17.21 16.68
CA VAL B 30 8.75 -16.60 17.58
C VAL B 30 8.76 -17.29 18.94
N SER B 31 9.93 -17.33 19.56
N SER B 31 9.93 -17.31 19.58
CA SER B 31 10.09 -17.84 20.90
CA SER B 31 10.13 -17.90 20.91
C SER B 31 9.76 -16.74 21.91
C SER B 31 10.08 -16.84 22.00
N TYR B 32 9.40 -17.17 23.11
CA TYR B 32 9.22 -16.25 24.22
C TYR B 32 10.15 -16.67 25.36
N ASN B 33 10.70 -15.71 26.09
CA ASN B 33 11.73 -16.05 27.07
C ASN B 33 11.16 -16.51 28.42
N ASP B 34 12.01 -16.88 29.38
CA ASP B 34 11.55 -17.32 30.69
C ASP B 34 10.73 -16.26 31.42
N LYS B 35 11.11 -14.99 31.25
CA LYS B 35 10.40 -13.86 31.86
C LYS B 35 8.96 -13.71 31.36
N PHE B 36 8.73 -13.98 30.08
CA PHE B 36 7.38 -13.99 29.50
C PHE B 36 6.50 -14.99 30.25
N TYR B 37 7.01 -16.20 30.43
CA TYR B 37 6.24 -17.27 31.08
C TYR B 37 6.05 -17.07 32.58
N LYS B 38 7.04 -16.45 33.22
CA LYS B 38 6.92 -15.97 34.59
C LYS B 38 5.81 -14.92 34.70
N ASP B 39 5.81 -13.96 33.77
CA ASP B 39 4.85 -12.86 33.75
C ASP B 39 3.41 -13.29 33.48
N VAL B 40 3.21 -14.33 32.67
CA VAL B 40 1.84 -14.82 32.40
C VAL B 40 1.14 -15.38 33.67
N LEU B 41 1.93 -15.87 34.61
CA LEU B 41 1.40 -16.37 35.88
C LEU B 41 0.93 -15.25 36.81
N GLU B 42 1.35 -14.03 36.51
CA GLU B 42 1.18 -12.92 37.43
C GLU B 42 0.09 -11.93 37.00
N VAL B 43 -0.68 -12.27 35.96
CA VAL B 43 -1.61 -11.30 35.36
C VAL B 43 -3.10 -11.69 35.40
N GLY B 44 -3.43 -12.69 36.21
CA GLY B 44 -4.81 -13.14 36.36
C GLY B 44 -5.45 -13.50 35.02
N GLU B 45 -6.63 -12.93 34.76
CA GLU B 45 -7.39 -13.36 33.57
C GLU B 45 -6.88 -12.81 32.24
N LEU B 46 -5.83 -12.00 32.27
CA LEU B 46 -5.19 -11.54 31.03
C LEU B 46 -4.47 -12.66 30.30
N ALA B 47 -4.40 -13.84 30.91
CA ALA B 47 -3.91 -15.03 30.21
C ALA B 47 -4.83 -16.22 30.43
N LYS B 48 -5.14 -16.96 29.36
CA LYS B 48 -5.99 -18.14 29.47
C LYS B 48 -5.53 -19.25 28.56
N LEU B 49 -5.74 -20.50 28.97
CA LEU B 49 -5.65 -21.64 28.06
C LEU B 49 -7.02 -21.94 27.45
N ALA B 50 -7.05 -22.41 26.20
CA ALA B 50 -8.28 -22.77 25.50
C ALA B 50 -8.34 -24.29 25.42
N TYR B 51 -9.48 -24.84 25.80
CA TYR B 51 -9.67 -26.28 25.87
C TYR B 51 -10.71 -26.71 24.88
N PHE B 52 -10.45 -27.82 24.21
CA PHE B 52 -11.42 -28.41 23.31
C PHE B 52 -11.69 -29.80 23.85
N ASN B 53 -12.91 -30.02 24.34
CA ASN B 53 -13.26 -31.28 25.02
C ASN B 53 -12.18 -31.63 26.06
N ASP B 54 -11.77 -30.63 26.83
CA ASP B 54 -10.82 -30.81 27.95
C ASP B 54 -9.36 -31.08 27.54
N ILE B 55 -9.06 -30.90 26.26
CA ILE B 55 -7.69 -30.95 25.73
C ILE B 55 -7.26 -29.50 25.46
N ALA B 56 -6.11 -29.09 26.01
CA ALA B 56 -5.56 -27.73 25.82
C ALA B 56 -5.10 -27.61 24.38
N VAL B 57 -5.66 -26.67 23.64
CA VAL B 57 -5.35 -26.55 22.21
C VAL B 57 -5.00 -25.13 21.78
N GLY B 58 -5.06 -24.18 22.71
CA GLY B 58 -4.72 -22.83 22.35
C GLY B 58 -4.53 -22.00 23.60
N ALA B 59 -4.13 -20.76 23.39
CA ALA B 59 -3.92 -19.85 24.51
C ALA B 59 -3.95 -18.41 24.06
N VAL B 60 -4.28 -17.53 25.00
CA VAL B 60 -4.25 -16.07 24.78
C VAL B 60 -3.53 -15.45 25.95
N CYS B 61 -2.59 -14.56 25.64
CA CYS B 61 -1.82 -13.81 26.64
C CYS B 61 -1.80 -12.33 26.27
N CYS B 62 -2.28 -11.46 27.17
CA CYS B 62 -2.35 -10.02 26.92
C CYS B 62 -1.54 -9.24 27.96
N ARG B 63 -1.28 -7.97 27.63
CA ARG B 63 -0.47 -7.07 28.44
C ARG B 63 -1.11 -5.69 28.45
N VAL B 64 -1.10 -5.02 29.60
CA VAL B 64 -1.58 -3.63 29.65
C VAL B 64 -0.43 -2.70 29.30
N ASP B 65 -0.68 -1.87 28.28
CA ASP B 65 0.28 -0.97 27.66
C ASP B 65 -0.12 0.45 28.00
N HIS B 66 0.82 1.22 28.52
CA HIS B 66 0.62 2.65 28.67
C HIS B 66 1.52 3.44 27.73
N SER B 67 1.28 3.29 26.43
CA SER B 67 2.02 4.07 25.43
C SER B 67 1.10 5.09 24.77
N GLN B 68 1.72 6.09 24.13
CA GLN B 68 1.01 7.08 23.31
C GLN B 68 -0.02 7.96 24.05
N ASN B 69 0.14 8.10 25.37
CA ASN B 69 -0.81 8.87 26.19
C ASN B 69 -2.18 8.17 26.29
N GLN B 70 -2.16 6.86 26.02
CA GLN B 70 -3.34 5.99 26.01
C GLN B 70 -3.13 4.78 26.91
N LYS B 71 -4.23 4.19 27.38
CA LYS B 71 -4.21 2.87 28.00
C LYS B 71 -4.67 1.86 26.94
N ARG B 72 -3.82 0.87 26.66
CA ARG B 72 -4.10 -0.05 25.55
C ARG B 72 -3.98 -1.48 26.04
N LEU B 73 -4.80 -2.38 25.47
CA LEU B 73 -4.61 -3.79 25.75
C LEU B 73 -3.87 -4.37 24.55
N TYR B 74 -2.70 -4.93 24.82
CA TYR B 74 -1.88 -5.52 23.78
C TYR B 74 -2.07 -7.03 23.82
N ILE B 75 -2.50 -7.61 22.69
CA ILE B 75 -2.57 -9.06 22.60
C ILE B 75 -1.19 -9.63 22.19
N THR B 77 -0.06 -12.90 22.39
CA THR B 77 -0.27 -14.15 21.63
C THR B 77 -1.75 -14.50 21.73
N LEU B 78 -2.32 -14.98 20.63
CA LEU B 78 -3.66 -15.60 20.64
C LEU B 78 -3.67 -16.60 19.49
N GLY B 79 -3.83 -17.89 19.79
CA GLY B 79 -3.83 -18.85 18.67
C GLY B 79 -4.24 -20.22 19.13
N CYS B 80 -4.54 -21.09 18.18
CA CYS B 80 -4.76 -22.49 18.52
C CYS B 80 -4.13 -23.39 17.48
N LEU B 81 -3.98 -24.65 17.88
CA LEU B 81 -3.40 -25.65 17.01
C LEU B 81 -4.14 -25.78 15.68
N ALA B 82 -3.38 -25.97 14.59
CA ALA B 82 -3.92 -25.94 13.22
C ALA B 82 -5.15 -26.84 12.98
N PRO B 83 -5.16 -28.08 13.50
CA PRO B 83 -6.31 -28.94 13.15
C PRO B 83 -7.64 -28.53 13.80
N TYR B 84 -7.57 -27.63 14.77
CA TYR B 84 -8.75 -27.21 15.51
C TYR B 84 -9.25 -25.83 15.05
N ARG B 85 -8.70 -25.33 13.95
CA ARG B 85 -9.07 -24.00 13.47
C ARG B 85 -10.44 -24.00 12.81
N ARG B 86 -11.06 -22.83 12.78
CA ARG B 86 -12.39 -22.66 12.18
C ARG B 86 -13.46 -23.47 12.92
N LEU B 87 -13.30 -23.55 14.24
CA LEU B 87 -14.28 -24.15 15.16
C LEU B 87 -14.79 -23.12 16.16
N GLY B 88 -14.29 -21.88 16.08
CA GLY B 88 -14.74 -20.82 17.00
C GLY B 88 -13.87 -20.66 18.24
N ILE B 89 -12.73 -21.36 18.27
CA ILE B 89 -11.82 -21.25 19.42
C ILE B 89 -11.19 -19.86 19.51
N GLY B 90 -10.70 -19.32 18.38
CA GLY B 90 -10.16 -17.96 18.32
C GLY B 90 -11.23 -16.98 18.76
N THR B 91 -12.45 -17.18 18.28
CA THR B 91 -13.55 -16.29 18.66
C THR B 91 -13.81 -16.32 20.19
N LYS B 92 -13.77 -17.51 20.79
CA LYS B 92 -13.89 -17.64 22.24
C LYS B 92 -12.80 -16.83 22.98
N LEU B 94 -10.89 -14.36 21.78
CA LEU B 94 -10.93 -12.92 21.53
C LEU B 94 -12.13 -12.27 22.25
N ASN B 95 -13.28 -12.94 22.30
CA ASN B 95 -14.39 -12.40 23.11
C ASN B 95 -14.05 -12.22 24.60
N HIS B 96 -13.22 -13.12 25.13
CA HIS B 96 -12.75 -12.99 26.51
C HIS B 96 -11.96 -11.69 26.68
N VAL B 97 -11.06 -11.42 25.74
CA VAL B 97 -10.26 -10.19 25.72
C VAL B 97 -11.16 -8.95 25.60
N LEU B 98 -12.09 -8.95 24.65
CA LEU B 98 -13.05 -7.83 24.55
C LEU B 98 -13.84 -7.66 25.85
N ASN B 99 -14.22 -8.77 26.50
CA ASN B 99 -14.95 -8.69 27.77
C ASN B 99 -14.10 -8.11 28.92
N ILE B 100 -12.81 -8.46 28.95
CA ILE B 100 -11.88 -7.85 29.91
C ILE B 100 -11.92 -6.32 29.77
N CYS B 101 -11.89 -5.83 28.51
CA CYS B 101 -11.90 -4.39 28.26
C CYS B 101 -13.24 -3.77 28.59
N GLU B 102 -14.33 -4.48 28.26
CA GLU B 102 -15.69 -3.97 28.51
C GLU B 102 -15.95 -3.76 30.00
N LYS B 103 -15.51 -4.73 30.81
CA LYS B 103 -15.70 -4.66 32.26
C LYS B 103 -14.81 -3.60 32.92
N ASP B 104 -13.69 -3.30 32.29
CA ASP B 104 -12.76 -2.29 32.80
C ASP B 104 -13.24 -0.87 32.46
N GLY B 105 -13.55 -0.64 31.19
CA GLY B 105 -14.09 0.64 30.72
C GLY B 105 -13.09 1.76 30.44
N THR B 106 -11.82 1.54 30.76
CA THR B 106 -10.80 2.59 30.65
C THR B 106 -9.74 2.38 29.56
N PHE B 107 -9.90 1.35 28.72
CA PHE B 107 -8.96 1.12 27.63
C PHE B 107 -9.32 1.97 26.41
N ASP B 108 -8.32 2.56 25.78
CA ASP B 108 -8.59 3.33 24.57
C ASP B 108 -8.69 2.41 23.35
N ASN B 109 -7.91 1.33 23.33
CA ASN B 109 -7.94 0.40 22.21
C ASN B 109 -7.29 -0.92 22.54
N ILE B 110 -7.48 -1.88 21.65
CA ILE B 110 -6.82 -3.18 21.72
C ILE B 110 -5.98 -3.32 20.46
N TYR B 111 -4.74 -3.79 20.58
CA TYR B 111 -3.93 -3.90 19.37
C TYR B 111 -3.05 -5.12 19.42
N LEU B 112 -2.46 -5.44 18.26
CA LEU B 112 -1.52 -6.54 18.13
C LEU B 112 -0.73 -6.40 16.83
N HIS B 113 0.34 -7.20 16.67
CA HIS B 113 1.12 -7.30 15.41
C HIS B 113 0.83 -8.62 14.71
N VAL B 114 0.67 -8.56 13.39
CA VAL B 114 0.41 -9.74 12.54
C VAL B 114 1.41 -9.68 11.37
N GLN B 115 2.19 -10.73 11.22
CA GLN B 115 3.11 -10.86 10.11
C GLN B 115 2.37 -10.64 8.79
N ILE B 116 2.96 -9.90 7.86
CA ILE B 116 2.17 -9.46 6.70
C ILE B 116 1.67 -10.61 5.82
N SER B 117 2.35 -11.77 5.88
CA SER B 117 1.96 -12.96 5.11
C SER B 117 0.74 -13.74 5.69
N ASN B 118 0.31 -13.34 6.90
CA ASN B 118 -0.65 -14.15 7.66
C ASN B 118 -2.09 -13.83 7.30
N GLU B 119 -2.53 -14.34 6.15
CA GLU B 119 -3.87 -14.01 5.64
C GLU B 119 -5.02 -14.41 6.56
N SER B 120 -4.90 -15.58 7.21
CA SER B 120 -5.91 -16.08 8.16
C SER B 120 -6.12 -15.13 9.31
N ALA B 121 -5.03 -14.63 9.86
CA ALA B 121 -5.12 -13.82 11.06
C ALA B 121 -5.64 -12.45 10.68
N ILE B 122 -5.25 -11.96 9.49
CA ILE B 122 -5.75 -10.64 9.06
C ILE B 122 -7.28 -10.71 8.88
N ASP B 123 -7.75 -11.73 8.19
CA ASP B 123 -9.19 -11.99 7.99
C ASP B 123 -9.92 -12.12 9.35
N PHE B 124 -9.31 -12.83 10.29
CA PHE B 124 -9.93 -13.07 11.63
C PHE B 124 -10.11 -11.74 12.33
N TYR B 125 -9.03 -10.99 12.46
CA TYR B 125 -9.12 -9.73 13.24
C TYR B 125 -10.01 -8.68 12.58
N ARG B 126 -9.93 -8.59 11.26
CA ARG B 126 -10.77 -7.63 10.52
C ARG B 126 -12.24 -7.94 10.69
N LYS B 127 -12.59 -9.23 10.86
CA LYS B 127 -14.00 -9.60 11.10
C LYS B 127 -14.53 -9.00 12.42
N PHE B 128 -13.64 -8.85 13.40
CA PHE B 128 -14.01 -8.30 14.72
C PHE B 128 -13.81 -6.80 14.82
N GLY B 129 -13.52 -6.17 13.69
CA GLY B 129 -13.47 -4.69 13.65
C GLY B 129 -12.10 -4.12 13.92
N PHE B 130 -11.06 -4.96 13.86
CA PHE B 130 -9.67 -4.50 13.93
C PHE B 130 -9.33 -3.86 12.58
N GLU B 131 -8.58 -2.77 12.60
CA GLU B 131 -8.13 -2.10 11.36
C GLU B 131 -6.63 -2.20 11.27
N ILE B 132 -6.07 -2.36 10.06
CA ILE B 132 -4.64 -2.19 9.85
C ILE B 132 -4.32 -0.68 9.91
N ILE B 133 -3.56 -0.26 10.91
CA ILE B 133 -3.28 1.16 11.13
C ILE B 133 -1.84 1.59 10.77
N GLU B 134 -0.95 0.62 10.61
CA GLU B 134 0.40 0.83 10.12
C GLU B 134 1.05 -0.50 9.76
N THR B 135 2.11 -0.43 8.98
CA THR B 135 2.90 -1.63 8.69
C THR B 135 4.31 -1.32 9.15
N LYS B 136 4.76 -2.10 10.14
CA LYS B 136 6.04 -1.87 10.78
C LYS B 136 7.08 -2.67 10.02
N LYS B 137 8.07 -1.97 9.48
CA LYS B 137 9.13 -2.63 8.73
C LYS B 137 10.14 -3.29 9.66
N ASN B 138 10.53 -4.52 9.31
CA ASN B 138 11.53 -5.28 10.08
C ASN B 138 11.18 -5.46 11.56
N TYR B 139 9.92 -5.83 11.80
CA TYR B 139 9.42 -6.10 13.14
C TYR B 139 10.04 -7.39 13.68
N TYR B 140 10.14 -8.38 12.79
CA TYR B 140 10.74 -9.66 13.14
C TYR B 140 12.23 -9.62 12.79
N LYS B 141 13.03 -10.25 13.63
CA LYS B 141 14.48 -10.21 13.42
C LYS B 141 15.01 -11.47 12.75
N ARG B 142 14.31 -12.59 12.93
CA ARG B 142 14.78 -13.88 12.39
C ARG B 142 14.02 -14.28 11.14
N ILE B 143 12.69 -14.14 11.21
CA ILE B 143 11.77 -14.76 10.27
C ILE B 143 11.40 -13.83 9.09
N GLU B 144 10.96 -14.44 7.98
CA GLU B 144 10.56 -13.74 6.77
C GLU B 144 9.09 -14.05 6.43
N PRO B 145 8.32 -13.05 5.94
CA PRO B 145 8.66 -11.64 5.81
C PRO B 145 8.82 -10.97 7.18
N ALA B 146 9.76 -10.04 7.27
CA ALA B 146 10.12 -9.39 8.52
C ALA B 146 9.10 -8.35 8.95
N ASP B 147 8.23 -7.94 8.02
CA ASP B 147 7.28 -6.88 8.33
C ASP B 147 6.00 -7.36 9.02
N ALA B 148 5.42 -6.49 9.85
CA ALA B 148 4.17 -6.81 10.53
C ALA B 148 3.17 -5.66 10.43
N HIS B 149 1.90 -5.99 10.16
CA HIS B 149 0.85 -5.00 10.33
C HIS B 149 0.55 -4.80 11.79
N VAL B 150 0.21 -3.57 12.16
CA VAL B 150 -0.40 -3.31 13.44
C VAL B 150 -1.92 -3.33 13.23
N LEU B 151 -2.61 -4.21 13.94
CA LEU B 151 -4.07 -4.29 13.88
C LEU B 151 -4.62 -3.69 15.16
N GLN B 152 -5.52 -2.72 15.05
CA GLN B 152 -6.06 -2.06 16.24
C GLN B 152 -7.58 -1.98 16.18
N LYS B 153 -8.23 -2.22 17.32
CA LYS B 153 -9.67 -1.97 17.46
C LYS B 153 -9.84 -0.82 18.46
N ASN B 154 -10.47 0.27 18.03
CA ASN B 154 -10.78 1.34 18.95
C ASN B 154 -11.96 1.04 19.83
N LEU B 155 -11.87 1.46 21.09
CA LEU B 155 -12.90 1.15 22.08
C LEU B 155 -13.67 2.38 22.55
N LYS B 156 -13.14 3.57 22.23
CA LYS B 156 -13.75 4.84 22.68
C LYS B 156 -14.03 5.81 21.53
N SER C 5 0.31 16.66 15.99
CA SER C 5 0.81 17.04 14.62
C SER C 5 0.84 15.88 13.63
N ARG C 6 0.14 16.04 12.51
CA ARG C 6 -0.01 14.99 11.50
C ARG C 6 0.47 15.55 10.17
N ILE C 7 1.44 14.86 9.56
CA ILE C 7 1.88 15.24 8.22
C ILE C 7 1.32 14.20 7.25
N GLU C 8 0.64 14.67 6.20
CA GLU C 8 -0.03 13.77 5.24
C GLU C 8 0.24 14.27 3.83
N LEU C 9 0.26 13.37 2.84
CA LEU C 9 0.32 13.79 1.42
C LEU C 9 -1.07 13.55 0.82
N GLY C 10 -1.50 14.39 -0.13
CA GLY C 10 -2.76 14.16 -0.85
C GLY C 10 -2.58 14.40 -2.34
N ASP C 11 -3.57 14.00 -3.13
CA ASP C 11 -3.52 14.14 -4.58
C ASP C 11 -3.72 15.59 -5.01
N VAL C 12 -3.14 15.92 -6.15
CA VAL C 12 -3.42 17.19 -6.83
C VAL C 12 -4.60 16.97 -7.77
N THR C 13 -5.61 17.82 -7.70
CA THR C 13 -6.83 17.62 -8.46
C THR C 13 -7.27 18.93 -9.11
N PRO C 14 -8.24 18.86 -10.05
CA PRO C 14 -8.80 20.13 -10.51
C PRO C 14 -9.29 21.01 -9.35
N HIS C 15 -9.71 20.38 -8.24
CA HIS C 15 -10.26 21.12 -7.11
C HIS C 15 -9.17 21.94 -6.40
N ASN C 16 -7.96 21.41 -6.32
CA ASN C 16 -6.94 22.11 -5.56
C ASN C 16 -5.72 22.59 -6.35
N ILE C 17 -5.76 22.48 -7.68
CA ILE C 17 -4.66 22.93 -8.53
C ILE C 17 -4.33 24.41 -8.30
N LYS C 18 -5.36 25.23 -8.08
CA LYS C 18 -5.13 26.65 -7.84
C LYS C 18 -4.37 26.89 -6.53
N GLN C 19 -4.68 26.10 -5.51
CA GLN C 19 -3.90 26.07 -4.26
C GLN C 19 -2.44 25.66 -4.46
N LEU C 20 -2.23 24.60 -5.24
CA LEU C 20 -0.89 24.22 -5.60
C LEU C 20 -0.15 25.42 -6.17
N LYS C 21 -0.74 26.09 -7.15
CA LYS C 21 -0.09 27.26 -7.75
C LYS C 21 0.19 28.35 -6.70
N ARG C 22 -0.77 28.63 -5.82
CA ARG C 22 -0.53 29.62 -4.76
C ARG C 22 0.65 29.26 -3.88
N LEU C 23 0.78 27.99 -3.53
CA LEU C 23 1.91 27.54 -2.73
C LEU C 23 3.21 27.67 -3.52
N ASN C 24 3.20 27.25 -4.78
CA ASN C 24 4.41 27.31 -5.62
C ASN C 24 4.92 28.74 -5.77
N GLN C 25 3.99 29.68 -5.92
CA GLN C 25 4.33 31.08 -6.18
C GLN C 25 4.95 31.71 -4.95
N VAL C 26 4.59 31.20 -3.77
CA VAL C 26 5.21 31.68 -2.53
C VAL C 26 6.57 31.02 -2.27
N ILE C 27 6.66 29.72 -2.54
CA ILE C 27 7.82 28.92 -2.13
C ILE C 27 9.00 29.04 -3.09
N PHE C 28 8.73 29.12 -4.39
CA PHE C 28 9.79 29.06 -5.40
C PHE C 28 9.95 30.41 -6.11
N PRO C 29 11.20 30.81 -6.42
CA PRO C 29 11.47 32.15 -6.98
C PRO C 29 11.19 32.30 -8.47
N VAL C 30 10.70 31.24 -9.10
CA VAL C 30 10.29 31.30 -10.51
C VAL C 30 8.81 30.90 -10.70
N SER C 31 8.14 31.57 -11.64
CA SER C 31 6.74 31.27 -11.94
C SER C 31 6.67 30.30 -13.11
N TYR C 32 5.88 29.25 -12.94
CA TYR C 32 5.71 28.24 -13.97
C TYR C 32 4.51 28.54 -14.84
N ASN C 33 4.61 28.15 -16.11
CA ASN C 33 3.58 28.42 -17.10
C ASN C 33 2.36 27.54 -16.92
N ASP C 34 1.30 27.82 -17.65
CA ASP C 34 0.07 27.06 -17.48
C ASP C 34 0.23 25.60 -17.86
N LYS C 35 1.15 25.31 -18.78
CA LYS C 35 1.39 23.91 -19.16
C LYS C 35 1.95 23.11 -18.00
N PHE C 36 2.75 23.76 -17.15
CA PHE C 36 3.24 23.08 -15.92
C PHE C 36 2.03 22.55 -15.14
N TYR C 37 1.02 23.38 -14.93
CA TYR C 37 -0.14 22.98 -14.11
C TYR C 37 -1.05 21.99 -14.81
N LYS C 38 -1.26 22.17 -16.12
CA LYS C 38 -1.93 21.17 -16.97
C LYS C 38 -1.29 19.79 -16.80
N ASP C 39 0.04 19.73 -16.93
CA ASP C 39 0.76 18.47 -16.94
C ASP C 39 0.82 17.75 -15.56
N VAL C 40 0.87 18.51 -14.46
CA VAL C 40 0.84 17.86 -13.12
C VAL C 40 -0.49 17.16 -12.85
N LEU C 41 -1.56 17.67 -13.45
CA LEU C 41 -2.89 17.05 -13.34
C LEU C 41 -2.96 15.69 -14.02
N GLU C 42 -1.94 15.37 -14.80
CA GLU C 42 -1.94 14.13 -15.56
C GLU C 42 -0.79 13.20 -15.19
N VAL C 43 0.01 13.58 -14.19
CA VAL C 43 1.21 12.82 -13.84
C VAL C 43 1.01 11.84 -12.67
N GLY C 44 -0.22 11.74 -12.17
CA GLY C 44 -0.55 10.78 -11.10
C GLY C 44 0.21 11.02 -9.81
N GLU C 45 0.71 9.94 -9.21
CA GLU C 45 1.39 9.99 -7.91
C GLU C 45 2.67 10.82 -7.88
N LEU C 46 3.16 11.21 -9.07
CA LEU C 46 4.38 12.06 -9.13
C LEU C 46 4.13 13.52 -8.76
N ALA C 47 2.89 13.86 -8.43
CA ALA C 47 2.62 15.17 -7.82
C ALA C 47 1.75 15.00 -6.60
N LYS C 48 2.12 15.64 -5.50
CA LYS C 48 1.34 15.60 -4.27
C LYS C 48 1.37 16.95 -3.56
N LEU C 49 0.29 17.25 -2.82
CA LEU C 49 0.28 18.33 -1.83
C LEU C 49 0.64 17.74 -0.49
N ALA C 50 1.37 18.50 0.33
CA ALA C 50 1.69 18.09 1.68
C ALA C 50 0.87 18.90 2.67
N TYR C 51 0.34 18.20 3.67
CA TYR C 51 -0.50 18.82 4.69
C TYR C 51 0.11 18.67 6.07
N PHE C 52 -0.03 19.73 6.86
CA PHE C 52 0.37 19.70 8.25
C PHE C 52 -0.88 20.01 9.05
N ASN C 53 -1.35 19.04 9.85
CA ASN C 53 -2.63 19.17 10.55
C ASN C 53 -3.73 19.70 9.66
N ASP C 54 -3.81 19.13 8.45
CA ASP C 54 -4.89 19.39 7.50
C ASP C 54 -4.76 20.73 6.75
N ILE C 55 -3.65 21.44 6.95
CA ILE C 55 -3.37 22.69 6.24
C ILE C 55 -2.40 22.39 5.12
N ALA C 56 -2.68 22.86 3.90
CA ALA C 56 -1.76 22.62 2.78
C ALA C 56 -0.56 23.54 2.92
N VAL C 57 0.63 22.95 3.05
CA VAL C 57 1.82 23.75 3.32
C VAL C 57 2.99 23.41 2.40
N GLY C 58 2.81 22.48 1.49
CA GLY C 58 3.91 22.18 0.59
C GLY C 58 3.44 21.36 -0.57
N ALA C 59 4.37 21.08 -1.48
CA ALA C 59 4.01 20.21 -2.62
C ALA C 59 5.27 19.68 -3.24
N VAL C 60 5.13 18.54 -3.90
CA VAL C 60 6.20 17.95 -4.72
C VAL C 60 5.60 17.66 -6.10
N CYS C 61 6.27 18.09 -7.16
CA CYS C 61 5.83 17.82 -8.53
C CYS C 61 7.04 17.35 -9.32
N CYS C 62 6.89 16.19 -9.96
CA CYS C 62 7.93 15.57 -10.76
C CYS C 62 7.48 15.32 -12.20
N ARG C 63 8.47 15.07 -13.07
CA ARG C 63 8.31 14.76 -14.51
C ARG C 63 9.23 13.61 -14.82
N VAL C 64 8.83 12.73 -15.73
CA VAL C 64 9.78 11.76 -16.29
C VAL C 64 10.58 12.45 -17.39
N ASP C 65 11.90 12.34 -17.34
CA ASP C 65 12.76 12.99 -18.29
C ASP C 65 13.65 11.99 -19.02
N HIS C 66 13.53 11.95 -20.33
CA HIS C 66 14.47 11.15 -21.12
C HIS C 66 15.51 12.09 -21.71
N SER C 67 16.70 12.08 -21.11
CA SER C 67 17.80 12.87 -21.62
C SER C 67 19.07 12.10 -21.38
N GLN C 68 20.14 12.45 -22.09
CA GLN C 68 21.43 11.76 -22.04
C GLN C 68 21.36 10.24 -22.06
N ASN C 69 20.47 9.71 -22.90
CA ASN C 69 20.29 8.26 -23.09
C ASN C 69 19.85 7.51 -21.82
N GLN C 70 19.25 8.25 -20.89
CA GLN C 70 18.77 7.67 -19.63
C GLN C 70 17.31 8.01 -19.44
N LYS C 71 16.66 7.24 -18.57
CA LYS C 71 15.33 7.54 -18.07
C LYS C 71 15.50 8.11 -16.68
N ARG C 72 15.09 9.36 -16.49
CA ARG C 72 15.40 10.02 -15.23
C ARG C 72 14.14 10.57 -14.62
N LEU C 73 14.13 10.66 -13.29
CA LEU C 73 13.03 11.37 -12.60
C LEU C 73 13.50 12.74 -12.28
N TYR C 74 12.80 13.76 -12.81
CA TYR C 74 13.20 15.12 -12.55
C TYR C 74 12.26 15.71 -11.52
N ILE C 75 12.79 16.19 -10.40
CA ILE C 75 11.96 16.83 -9.38
C ILE C 75 11.89 18.28 -9.77
N THR C 77 9.78 20.62 -8.55
CA THR C 77 9.53 21.44 -7.37
C THR C 77 9.29 20.48 -6.21
N LEU C 78 9.98 20.72 -5.12
CA LEU C 78 9.69 20.05 -3.86
C LEU C 78 9.97 21.06 -2.77
N GLY C 79 8.97 21.37 -1.96
CA GLY C 79 9.19 22.37 -0.93
C GLY C 79 8.00 22.66 -0.07
N CYS C 80 8.23 23.36 1.02
CA CYS C 80 7.13 23.79 1.86
C CYS C 80 7.33 25.21 2.37
N LEU C 81 6.24 25.78 2.87
CA LEU C 81 6.27 27.14 3.41
C LEU C 81 7.26 27.25 4.54
N ALA C 82 7.98 28.38 4.58
CA ALA C 82 9.10 28.56 5.50
C ALA C 82 8.78 28.20 6.97
N PRO C 83 7.61 28.63 7.49
CA PRO C 83 7.33 28.31 8.90
C PRO C 83 7.16 26.82 9.27
N TYR C 84 7.01 25.93 8.28
CA TYR C 84 6.75 24.52 8.51
C TYR C 84 7.96 23.67 8.12
N ARG C 85 9.07 24.34 7.87
CA ARG C 85 10.30 23.58 7.57
C ARG C 85 10.93 22.95 8.82
N ARG C 86 11.77 21.95 8.57
CA ARG C 86 12.47 21.16 9.61
C ARG C 86 11.47 20.42 10.51
N LEU C 87 10.36 19.96 9.92
CA LEU C 87 9.34 19.14 10.62
C LEU C 87 9.20 17.77 9.97
N GLY C 88 10.03 17.50 8.98
CA GLY C 88 10.03 16.19 8.28
C GLY C 88 9.12 16.13 7.05
N ILE C 89 8.61 17.29 6.63
CA ILE C 89 7.73 17.35 5.46
C ILE C 89 8.49 17.03 4.17
N GLY C 90 9.66 17.66 4.01
CA GLY C 90 10.49 17.42 2.81
C GLY C 90 10.88 15.95 2.78
N THR C 91 11.19 15.39 3.94
CA THR C 91 11.56 13.96 4.04
C THR C 91 10.40 13.08 3.54
N LYS C 92 9.20 13.36 3.98
CA LYS C 92 8.02 12.55 3.61
C LYS C 92 7.78 12.67 2.08
N LEU C 94 10.05 13.54 -0.28
CA LEU C 94 11.14 12.88 -1.04
C LEU C 94 11.06 11.35 -0.94
N ASN C 95 10.81 10.81 0.24
CA ASN C 95 10.60 9.38 0.36
C ASN C 95 9.48 8.84 -0.52
N HIS C 96 8.41 9.62 -0.66
CA HIS C 96 7.31 9.24 -1.56
C HIS C 96 7.82 9.01 -2.98
N VAL C 97 8.62 9.96 -3.48
CA VAL C 97 9.15 9.91 -4.84
C VAL C 97 10.15 8.75 -4.98
N LEU C 98 10.99 8.55 -3.97
CA LEU C 98 11.97 7.47 -4.06
C LEU C 98 11.28 6.12 -4.11
N ASN C 99 10.19 6.00 -3.36
CA ASN C 99 9.47 4.73 -3.33
C ASN C 99 8.81 4.47 -4.68
N ILE C 100 8.25 5.51 -5.31
CA ILE C 100 7.69 5.32 -6.66
C ILE C 100 8.76 4.80 -7.61
N CYS C 101 9.95 5.38 -7.54
CA CYS C 101 11.04 4.94 -8.40
C CYS C 101 11.46 3.50 -8.10
N GLU C 102 11.56 3.15 -6.83
CA GLU C 102 11.97 1.79 -6.47
C GLU C 102 10.97 0.73 -6.98
N LYS C 103 9.67 1.02 -6.85
CA LYS C 103 8.64 0.07 -7.31
C LYS C 103 8.59 -0.07 -8.85
N ASP C 104 8.90 1.02 -9.54
CA ASP C 104 8.87 1.06 -11.00
C ASP C 104 10.11 0.35 -11.53
N GLY C 105 11.26 0.73 -11.00
CA GLY C 105 12.52 0.00 -11.31
C GLY C 105 13.19 0.35 -12.63
N THR C 106 12.66 1.33 -13.36
CA THR C 106 13.16 1.65 -14.70
C THR C 106 13.97 2.95 -14.77
N PHE C 107 14.11 3.65 -13.65
CA PHE C 107 14.83 4.91 -13.60
C PHE C 107 16.34 4.75 -13.40
N ASP C 108 17.11 5.50 -14.18
CA ASP C 108 18.55 5.48 -13.99
C ASP C 108 18.96 6.40 -12.84
N ASN C 109 18.24 7.50 -12.68
CA ASN C 109 18.58 8.42 -11.61
C ASN C 109 17.45 9.39 -11.35
N ILE C 110 17.61 10.12 -10.25
CA ILE C 110 16.70 11.20 -9.88
C ILE C 110 17.50 12.50 -9.69
N TYR C 111 16.98 13.62 -10.19
CA TYR C 111 17.78 14.84 -10.12
C TYR C 111 16.89 16.09 -10.04
N LEU C 112 17.54 17.19 -9.67
CA LEU C 112 16.87 18.49 -9.65
C LEU C 112 17.91 19.60 -9.73
N HIS C 113 17.45 20.84 -9.89
CA HIS C 113 18.33 22.00 -9.87
C HIS C 113 18.16 22.75 -8.56
N VAL C 114 19.28 23.19 -7.99
CA VAL C 114 19.23 23.98 -6.74
C VAL C 114 20.07 25.26 -6.93
N GLN C 115 19.46 26.42 -6.72
CA GLN C 115 20.18 27.70 -6.77
C GLN C 115 21.39 27.65 -5.84
N ILE C 116 22.55 28.13 -6.31
CA ILE C 116 23.80 27.88 -5.55
C ILE C 116 23.81 28.50 -4.14
N SER C 117 22.93 29.47 -3.92
CA SER C 117 22.83 30.15 -2.63
C SER C 117 22.00 29.39 -1.58
N ASN C 118 21.32 28.32 -2.02
CA ASN C 118 20.36 27.63 -1.20
C ASN C 118 21.04 26.58 -0.32
N GLU C 119 21.70 27.03 0.73
CA GLU C 119 22.46 26.14 1.62
C GLU C 119 21.56 25.09 2.27
N SER C 120 20.33 25.48 2.63
CA SER C 120 19.45 24.51 3.28
C SER C 120 19.01 23.39 2.35
N ALA C 121 18.75 23.69 1.09
CA ALA C 121 18.38 22.63 0.14
C ALA C 121 19.61 21.74 -0.17
N ILE C 122 20.78 22.36 -0.32
CA ILE C 122 21.96 21.55 -0.60
C ILE C 122 22.15 20.58 0.56
N ASP C 123 22.08 21.06 1.81
CA ASP C 123 22.22 20.18 3.01
C ASP C 123 21.21 19.00 3.02
N PHE C 124 19.97 19.33 2.70
CA PHE C 124 18.86 18.38 2.71
C PHE C 124 19.11 17.28 1.68
N TYR C 125 19.45 17.67 0.45
CA TYR C 125 19.64 16.66 -0.60
C TYR C 125 20.92 15.86 -0.41
N ARG C 126 21.98 16.50 0.08
CA ARG C 126 23.20 15.71 0.34
C ARG C 126 22.96 14.69 1.45
N LYS C 127 22.10 15.02 2.41
CA LYS C 127 21.77 14.08 3.49
C LYS C 127 21.12 12.81 2.93
N PHE C 128 20.39 12.95 1.84
CA PHE C 128 19.69 11.83 1.21
C PHE C 128 20.50 11.11 0.14
N GLY C 129 21.80 11.39 0.03
CA GLY C 129 22.62 10.69 -0.92
C GLY C 129 22.63 11.26 -2.33
N PHE C 130 22.13 12.49 -2.50
CA PHE C 130 22.28 13.19 -3.75
C PHE C 130 23.64 13.84 -3.79
N GLU C 131 24.23 13.95 -4.96
CA GLU C 131 25.53 14.59 -5.06
C GLU C 131 25.45 15.69 -6.09
N ILE C 132 26.22 16.76 -5.91
CA ILE C 132 26.32 17.82 -6.90
C ILE C 132 27.19 17.28 -8.01
N ILE C 133 26.62 17.14 -9.20
CA ILE C 133 27.39 16.63 -10.35
C ILE C 133 27.79 17.68 -11.42
N GLU C 134 27.20 18.86 -11.33
CA GLU C 134 27.44 19.91 -12.34
C GLU C 134 26.92 21.20 -11.74
N THR C 135 27.46 22.33 -12.19
CA THR C 135 26.86 23.59 -11.82
C THR C 135 26.56 24.34 -13.11
N LYS C 136 25.28 24.67 -13.32
CA LYS C 136 24.85 25.29 -14.56
C LYS C 136 24.88 26.80 -14.40
N LYS C 137 25.72 27.43 -15.19
CA LYS C 137 25.87 28.87 -15.17
C LYS C 137 24.71 29.53 -15.87
N ASN C 138 24.21 30.62 -15.28
CA ASN C 138 23.09 31.38 -15.86
C ASN C 138 21.85 30.56 -16.15
N TYR C 139 21.56 29.62 -15.25
CA TYR C 139 20.37 28.79 -15.32
C TYR C 139 19.11 29.66 -15.04
N TYR C 140 19.18 30.55 -14.07
CA TYR C 140 18.06 31.47 -13.78
C TYR C 140 18.18 32.77 -14.55
N LYS C 141 17.12 33.09 -15.28
CA LYS C 141 17.13 34.24 -16.19
C LYS C 141 16.91 35.59 -15.50
N ARG C 142 16.02 35.62 -14.50
CA ARG C 142 15.57 36.90 -13.93
C ARG C 142 15.98 37.20 -12.47
N ILE C 143 16.74 36.28 -11.83
CA ILE C 143 17.14 36.41 -10.42
C ILE C 143 18.66 36.21 -10.20
N GLU C 144 19.11 36.47 -8.94
CA GLU C 144 20.52 36.31 -8.55
C GLU C 144 20.68 35.58 -7.21
N PRO C 145 21.72 34.70 -7.08
CA PRO C 145 22.65 34.18 -8.09
C PRO C 145 21.96 33.42 -9.21
N ALA C 146 22.46 33.57 -10.42
CA ALA C 146 21.85 32.93 -11.60
C ALA C 146 22.21 31.44 -11.77
N ASP C 147 23.20 30.96 -11.03
CA ASP C 147 23.69 29.60 -11.23
C ASP C 147 22.93 28.58 -10.40
N ALA C 148 22.85 27.34 -10.91
CA ALA C 148 22.18 26.24 -10.21
C ALA C 148 23.03 24.98 -10.21
N HIS C 149 23.12 24.33 -9.06
CA HIS C 149 23.73 23.01 -8.98
C HIS C 149 22.78 21.99 -9.58
N VAL C 150 23.32 20.95 -10.21
CA VAL C 150 22.52 19.75 -10.49
C VAL C 150 22.84 18.73 -9.39
N LEU C 151 21.80 18.32 -8.68
CA LEU C 151 21.89 17.39 -7.57
C LEU C 151 21.31 16.10 -8.10
N GLN C 152 22.06 15.01 -8.02
CA GLN C 152 21.57 13.76 -8.62
C GLN C 152 21.81 12.58 -7.70
N LYS C 153 20.84 11.67 -7.63
CA LYS C 153 21.03 10.42 -6.93
C LYS C 153 20.92 9.30 -7.94
N ASN C 154 21.95 8.44 -8.00
CA ASN C 154 21.92 7.32 -8.91
C ASN C 154 21.03 6.19 -8.37
N LEU C 155 20.26 5.58 -9.26
CA LEU C 155 19.36 4.52 -8.86
C LEU C 155 19.80 3.17 -9.45
N LYS C 156 20.69 3.21 -10.44
CA LYS C 156 21.31 2.01 -11.03
C LYS C 156 22.83 2.11 -11.14
N VAL C 157 23.48 0.96 -11.36
CA VAL C 157 24.93 0.88 -11.58
C VAL C 157 25.40 1.56 -12.89
N PRO C 158 26.69 1.94 -12.98
CA PRO C 158 27.28 2.57 -14.16
C PRO C 158 26.90 1.92 -15.51
N SER C 159 26.73 2.77 -16.53
CA SER C 159 26.40 2.32 -17.89
C SER C 159 27.52 1.46 -18.48
N GLY C 160 27.16 0.25 -18.90
CA GLY C 160 28.13 -0.68 -19.49
C GLY C 160 28.67 -1.73 -18.53
N GLN C 161 28.47 -1.50 -17.22
CA GLN C 161 28.91 -2.44 -16.19
C GLN C 161 28.14 -3.76 -16.30
N ASN C 162 28.85 -4.81 -16.71
CA ASN C 162 28.24 -6.07 -17.09
C ASN C 162 29.21 -7.25 -16.91
N ALA C 163 28.98 -8.03 -15.86
CA ALA C 163 29.75 -9.23 -15.55
C ALA C 163 29.88 -10.21 -16.73
N ASP C 164 28.87 -10.24 -17.58
CA ASP C 164 28.80 -11.24 -18.65
C ASP C 164 29.80 -11.04 -19.81
N VAL C 165 30.42 -9.87 -19.88
CA VAL C 165 31.44 -9.61 -20.90
C VAL C 165 32.80 -9.27 -20.25
N GLN C 166 32.90 -9.46 -18.94
CA GLN C 166 34.14 -9.19 -18.20
C GLN C 166 35.11 -10.36 -18.29
N LYS C 167 36.35 -10.07 -17.93
CA LYS C 167 37.43 -11.04 -17.86
C LYS C 167 37.87 -11.22 -16.40
N THR C 168 38.34 -12.42 -16.07
CA THR C 168 38.83 -12.73 -14.71
C THR C 168 40.03 -11.82 -14.37
N ASP C 169 39.95 -11.16 -13.19
CA ASP C 169 40.98 -10.23 -12.75
C ASP C 169 41.08 -10.27 -11.23
N ASN C 170 42.03 -11.05 -10.73
CA ASN C 170 42.21 -11.20 -9.28
C ASN C 170 43.43 -12.07 -8.96
#